data_4MMP
#
_entry.id   4MMP
#
_cell.length_a   42.643
_cell.length_b   77.758
_cell.length_c   85.519
_cell.angle_alpha   90.000
_cell.angle_beta   90.000
_cell.angle_gamma   90.000
#
_symmetry.space_group_name_H-M   'P 21 21 21'
#
loop_
_entity.id
_entity.type
_entity.pdbx_description
1 polymer 'Sialic Acid Binding Protein'
2 non-polymer 'N-acetyl-beta-neuraminic acid'
3 water water
#
_entity_poly.entity_id   1
_entity_poly.type   'polypeptide(L)'
_entity_poly.pdbx_seq_one_letter_code
;GADYDLKFGMVAGPSSNEYKAVEFFAKEVKEKSNGKIDVAIFPSSQLGDDRVMIKQLKDGALDFTLGESARFQIYFPEAE
VFALPYMIPNFETSKKALLDTKFGQGLLKKIDKELNVQVLSVAYNGTRQTTSNRAINSIEDMKGLKLRVPNAATNLAYAK
YVGAAPTPMAFSEVYLALQTNSVDGQENPLPTIQAQKFYEVQKYLALTNHILNDQLYLISNDTLADLPEDLQKVVKDAAA
KAAEYHTKLFVDGENSLVEFFKSQGVTVTQPDLKPFKAALTPYYDEYLKKNGEVGKMAIEEISNLAKL
;
_entity_poly.pdbx_strand_id   A
#
# COMPACT_ATOMS: atom_id res chain seq x y z
N GLY A 1 7.62 -28.73 17.71
CA GLY A 1 8.05 -27.78 16.64
C GLY A 1 8.86 -26.59 17.16
N ALA A 2 8.33 -25.37 16.93
CA ALA A 2 9.03 -24.08 17.21
C ALA A 2 8.95 -23.66 18.71
N ASP A 3 9.84 -22.78 19.15
CA ASP A 3 9.69 -22.14 20.45
C ASP A 3 8.79 -20.91 20.33
N TYR A 4 8.75 -20.28 19.13
CA TYR A 4 8.04 -19.01 18.94
C TYR A 4 7.10 -19.21 17.82
N ASP A 5 5.80 -19.06 18.13
CA ASP A 5 4.78 -19.29 17.09
C ASP A 5 4.19 -17.89 16.81
N LEU A 6 4.53 -17.38 15.62
CA LEU A 6 4.26 -15.96 15.34
C LEU A 6 3.22 -15.94 14.23
N LYS A 7 2.47 -14.82 14.18
CA LYS A 7 1.42 -14.62 13.21
C LYS A 7 1.65 -13.36 12.38
N PHE A 8 1.35 -13.48 11.11
CA PHE A 8 1.57 -12.40 10.07
C PHE A 8 0.23 -12.25 9.33
N GLY A 9 -0.39 -11.10 9.52
CA GLY A 9 -1.68 -10.84 8.90
C GLY A 9 -1.55 -9.88 7.73
N MET A 10 -2.38 -10.10 6.73
CA MET A 10 -2.44 -9.18 5.59
C MET A 10 -3.78 -9.14 4.91
N VAL A 11 -4.00 -8.03 4.20
CA VAL A 11 -5.21 -7.78 3.41
C VAL A 11 -5.16 -8.57 2.10
N ALA A 12 -3.98 -8.51 1.43
CA ALA A 12 -3.77 -9.15 0.12
C ALA A 12 -4.03 -10.66 0.19
N GLY A 13 -4.46 -11.25 -0.91
CA GLY A 13 -4.83 -12.64 -0.89
C GLY A 13 -3.73 -13.60 -1.29
N PRO A 14 -4.02 -14.93 -1.27
CA PRO A 14 -2.94 -15.89 -1.45
C PRO A 14 -2.36 -16.12 -2.79
N SER A 15 -2.84 -15.46 -3.85
CA SER A 15 -2.22 -15.37 -5.16
C SER A 15 -1.40 -14.08 -5.43
N SER A 16 -1.33 -13.20 -4.44
CA SER A 16 -0.72 -11.86 -4.63
C SER A 16 0.81 -11.91 -4.48
N ASN A 17 1.47 -10.95 -5.13
CA ASN A 17 2.90 -10.73 -4.88
C ASN A 17 3.23 -10.51 -3.37
N GLU A 18 2.39 -9.83 -2.59
CA GLU A 18 2.57 -9.64 -1.20
C GLU A 18 2.66 -11.01 -0.51
N TYR A 19 1.71 -11.91 -0.83
CA TYR A 19 1.68 -13.25 -0.24
C TYR A 19 2.98 -14.00 -0.66
N LYS A 20 3.40 -13.92 -1.92
CA LYS A 20 4.64 -14.52 -2.33
C LYS A 20 5.85 -14.06 -1.49
N ALA A 21 5.95 -12.75 -1.20
CA ALA A 21 7.02 -12.23 -0.44
C ALA A 21 6.91 -12.62 1.04
N VAL A 22 5.71 -12.60 1.61
CA VAL A 22 5.48 -12.99 3.00
C VAL A 22 5.75 -14.48 3.18
N GLU A 23 5.42 -15.31 2.19
CA GLU A 23 5.77 -16.77 2.28
C GLU A 23 7.27 -16.94 2.26
N PHE A 24 7.98 -16.12 1.48
CA PHE A 24 9.45 -16.14 1.43
C PHE A 24 10.00 -15.72 2.78
N PHE A 25 9.44 -14.67 3.37
CA PHE A 25 9.82 -14.22 4.69
C PHE A 25 9.67 -15.39 5.73
N ALA A 26 8.51 -16.05 5.71
CA ALA A 26 8.22 -17.13 6.69
C ALA A 26 9.23 -18.27 6.49
N LYS A 27 9.54 -18.62 5.26
CA LYS A 27 10.53 -19.64 4.96
C LYS A 27 11.91 -19.29 5.41
N GLU A 28 12.31 -18.06 5.17
CA GLU A 28 13.62 -17.60 5.55
C GLU A 28 13.74 -17.60 7.08
N VAL A 29 12.74 -17.17 7.78
CA VAL A 29 12.74 -17.14 9.26
C VAL A 29 12.80 -18.57 9.86
N LYS A 30 12.06 -19.47 9.27
CA LYS A 30 12.03 -20.88 9.78
C LYS A 30 13.44 -21.45 9.57
N GLU A 31 14.04 -21.22 8.40
CA GLU A 31 15.35 -21.79 8.07
C GLU A 31 16.45 -21.19 8.95
N LYS A 32 16.57 -19.87 8.97
CA LYS A 32 17.62 -19.22 9.71
C LYS A 32 17.52 -19.31 11.20
N SER A 33 16.32 -19.52 11.75
CA SER A 33 16.13 -19.75 13.17
C SER A 33 16.34 -21.23 13.53
N ASN A 34 16.68 -22.05 12.54
CA ASN A 34 16.80 -23.52 12.82
C ASN A 34 15.54 -24.10 13.38
N GLY A 35 14.40 -23.63 12.89
CA GLY A 35 13.13 -24.15 13.27
C GLY A 35 12.59 -23.63 14.57
N LYS A 36 13.30 -22.70 15.20
CA LYS A 36 12.84 -22.12 16.45
C LYS A 36 11.64 -21.18 16.32
N ILE A 37 11.47 -20.61 15.11
CA ILE A 37 10.34 -19.73 14.85
C ILE A 37 9.54 -20.37 13.71
N ASP A 38 8.22 -20.34 13.84
CA ASP A 38 7.28 -20.74 12.82
C ASP A 38 6.33 -19.55 12.67
N VAL A 39 6.05 -19.22 11.44
CA VAL A 39 5.16 -18.08 11.05
C VAL A 39 3.89 -18.55 10.35
N ALA A 40 2.74 -18.27 10.92
CA ALA A 40 1.45 -18.53 10.32
C ALA A 40 1.03 -17.29 9.60
N ILE A 41 0.41 -17.47 8.44
CA ILE A 41 0.01 -16.30 7.60
C ILE A 41 -1.48 -16.28 7.47
N PHE A 42 -2.08 -15.09 7.64
CA PHE A 42 -3.55 -14.85 7.64
C PHE A 42 -3.82 -13.79 6.57
N PRO A 43 -3.92 -14.24 5.35
CA PRO A 43 -4.20 -13.25 4.24
C PRO A 43 -5.68 -12.98 4.11
N SER A 44 -6.01 -12.19 3.10
CA SER A 44 -7.41 -12.03 2.71
C SER A 44 -8.28 -11.41 3.81
N SER A 45 -7.66 -10.60 4.68
CA SER A 45 -8.32 -9.85 5.76
C SER A 45 -9.00 -10.86 6.69
N GLN A 46 -8.40 -12.02 6.86
CA GLN A 46 -8.94 -12.99 7.86
C GLN A 46 -8.94 -12.49 9.31
N LEU A 47 -8.03 -11.59 9.67
CA LEU A 47 -7.96 -10.95 10.98
C LEU A 47 -8.57 -9.53 11.00
N GLY A 48 -9.17 -9.09 9.90
CA GLY A 48 -9.60 -7.73 9.75
C GLY A 48 -8.76 -7.01 8.70
N ASP A 49 -9.08 -5.76 8.51
CA ASP A 49 -8.33 -4.97 7.51
C ASP A 49 -7.01 -4.51 8.12
N ASP A 50 -6.24 -3.72 7.34
CA ASP A 50 -4.97 -3.28 7.86
C ASP A 50 -5.02 -2.28 9.02
N ARG A 51 -6.11 -1.54 9.15
CA ARG A 51 -6.25 -0.64 10.31
C ARG A 51 -6.37 -1.53 11.59
N VAL A 52 -7.24 -2.53 11.55
CA VAL A 52 -7.39 -3.48 12.66
C VAL A 52 -6.06 -4.15 12.95
N MET A 53 -5.34 -4.58 11.91
CA MET A 53 -4.11 -5.32 12.13
C MET A 53 -3.00 -4.50 12.76
N ILE A 54 -2.88 -3.25 12.31
CA ILE A 54 -1.92 -2.31 12.87
C ILE A 54 -2.22 -2.08 14.33
N LYS A 55 -3.52 -2.00 14.66
CA LYS A 55 -3.94 -1.86 16.05
C LYS A 55 -3.55 -3.11 16.83
N GLN A 56 -3.72 -4.28 16.24
CA GLN A 56 -3.38 -5.54 16.94
C GLN A 56 -1.89 -5.61 17.19
N LEU A 57 -1.02 -5.12 16.29
CA LEU A 57 0.45 -4.99 16.59
C LEU A 57 0.72 -4.06 17.81
N LYS A 58 0.07 -2.93 17.79
CA LYS A 58 0.10 -1.97 18.88
C LYS A 58 -0.26 -2.60 20.22
N ASP A 59 -1.29 -3.42 20.23
CA ASP A 59 -1.83 -4.03 21.43
C ASP A 59 -1.12 -5.33 21.77
N GLY A 60 -0.13 -5.76 20.98
CA GLY A 60 0.52 -7.03 21.19
C GLY A 60 -0.26 -8.26 20.87
N ALA A 61 -1.31 -8.14 20.07
CA ALA A 61 -2.15 -9.28 19.75
C ALA A 61 -1.80 -9.95 18.43
N LEU A 62 -0.96 -9.27 17.64
CA LEU A 62 -0.52 -9.82 16.37
C LEU A 62 0.97 -9.48 16.25
N ASP A 63 1.79 -10.34 15.63
CA ASP A 63 3.20 -10.13 15.56
C ASP A 63 3.62 -9.22 14.38
N PHE A 64 3.15 -9.60 13.17
CA PHE A 64 3.57 -8.92 11.93
C PHE A 64 2.38 -8.49 11.16
N THR A 65 2.56 -7.41 10.37
CA THR A 65 1.61 -7.10 9.31
C THR A 65 2.30 -6.29 8.25
N LEU A 66 1.56 -5.99 7.19
CA LEU A 66 2.02 -5.05 6.14
C LEU A 66 1.23 -3.75 6.29
N GLY A 67 1.89 -2.61 6.06
CA GLY A 67 1.16 -1.40 5.96
C GLY A 67 1.90 -0.35 5.17
N GLU A 68 1.16 0.51 4.49
CA GLU A 68 1.81 1.61 3.78
C GLU A 68 2.26 2.67 4.77
N SER A 69 3.35 3.38 4.44
CA SER A 69 3.73 4.62 5.18
C SER A 69 2.54 5.55 5.35
N ALA A 70 1.76 5.67 4.28
CA ALA A 70 0.67 6.57 4.19
C ALA A 70 -0.46 6.17 5.13
N ARG A 71 -0.57 4.89 5.41
CA ARG A 71 -1.62 4.38 6.29
C ARG A 71 -1.49 4.93 7.70
N PHE A 72 -0.28 5.29 8.07
CA PHE A 72 -0.02 5.89 9.40
C PHE A 72 -0.71 7.18 9.61
N GLN A 73 -1.29 7.76 8.55
CA GLN A 73 -2.10 8.93 8.67
C GLN A 73 -3.29 8.74 9.65
N ILE A 74 -3.69 7.48 9.89
CA ILE A 74 -4.78 7.20 10.84
C ILE A 74 -4.36 7.47 12.27
N TYR A 75 -3.07 7.71 12.51
CA TYR A 75 -2.57 8.18 13.80
C TYR A 75 -1.86 9.49 13.75
N PHE A 76 -1.04 9.71 12.72
CA PHE A 76 -0.17 10.87 12.54
C PHE A 76 -0.48 11.45 11.12
N PRO A 77 -1.38 12.44 11.05
CA PRO A 77 -1.93 12.86 9.75
C PRO A 77 -0.86 13.32 8.77
N GLU A 78 0.27 13.75 9.27
CA GLU A 78 1.36 14.18 8.36
C GLU A 78 1.90 13.12 7.44
N ALA A 79 1.67 11.86 7.81
CA ALA A 79 2.05 10.71 6.99
C ALA A 79 1.29 10.63 5.69
N GLU A 80 0.16 11.32 5.59
CA GLU A 80 -0.62 11.39 4.33
C GLU A 80 0.22 11.83 3.11
N VAL A 81 1.33 12.49 3.35
CA VAL A 81 2.16 13.01 2.25
C VAL A 81 2.54 11.91 1.29
N PHE A 82 2.76 10.68 1.81
CA PHE A 82 3.11 9.55 0.99
C PHE A 82 2.10 9.08 -0.03
N ALA A 83 0.84 9.48 0.11
CA ALA A 83 -0.23 9.08 -0.72
C ALA A 83 -0.77 10.24 -1.49
N LEU A 84 -0.34 11.48 -1.25
CA LEU A 84 -0.95 12.63 -1.97
C LEU A 84 -0.78 12.37 -3.51
N PRO A 85 -1.91 12.50 -4.26
CA PRO A 85 -1.78 11.99 -5.58
C PRO A 85 -0.78 12.80 -6.39
N TYR A 86 -0.02 12.08 -7.21
CA TYR A 86 1.03 12.64 -8.09
C TYR A 86 2.14 13.36 -7.38
N MET A 87 2.27 13.27 -6.07
CA MET A 87 3.30 13.99 -5.32
C MET A 87 4.62 13.17 -5.31
N ILE A 88 4.55 11.87 -5.17
CA ILE A 88 5.77 11.06 -5.19
C ILE A 88 5.99 10.37 -6.53
N PRO A 89 7.08 10.66 -7.20
CA PRO A 89 7.21 10.18 -8.56
C PRO A 89 7.71 8.80 -8.74
N ASN A 90 8.37 8.19 -7.75
CA ASN A 90 8.86 6.82 -7.88
C ASN A 90 9.19 6.25 -6.53
N PHE A 91 9.52 4.98 -6.51
CA PHE A 91 9.71 4.27 -5.27
C PHE A 91 10.98 4.80 -4.54
N GLU A 92 12.03 5.08 -5.32
CA GLU A 92 13.30 5.55 -4.73
C GLU A 92 13.07 6.80 -3.88
N THR A 93 12.25 7.74 -4.42
CA THR A 93 11.91 8.92 -3.66
C THR A 93 11.06 8.61 -2.41
N SER A 94 10.13 7.69 -2.52
CA SER A 94 9.29 7.30 -1.38
C SER A 94 10.17 6.75 -0.23
N LYS A 95 11.09 5.90 -0.60
CA LYS A 95 11.87 5.12 0.42
C LYS A 95 12.85 6.08 1.04
N LYS A 96 13.45 6.98 0.25
CA LYS A 96 14.35 7.94 0.87
C LYS A 96 13.62 8.99 1.67
N ALA A 97 12.41 9.35 1.28
CA ALA A 97 11.64 10.26 2.04
C ALA A 97 11.32 9.72 3.43
N LEU A 98 11.04 8.42 3.55
CA LEU A 98 10.77 7.84 4.84
C LEU A 98 12.03 7.67 5.65
N LEU A 99 13.09 7.12 5.06
CA LEU A 99 14.26 6.71 5.85
C LEU A 99 15.30 7.76 6.02
N ASP A 100 15.41 8.71 5.10
CA ASP A 100 16.63 9.54 5.02
C ASP A 100 16.35 11.01 5.21
N THR A 101 15.12 11.38 5.52
CA THR A 101 14.83 12.77 5.88
C THR A 101 14.58 12.93 7.33
N LYS A 102 14.76 14.15 7.84
CA LYS A 102 14.37 14.44 9.21
C LYS A 102 12.85 14.18 9.44
N PHE A 103 12.01 14.54 8.50
CA PHE A 103 10.55 14.31 8.60
C PHE A 103 10.27 12.82 8.82
N GLY A 104 10.85 12.02 7.94
CA GLY A 104 10.61 10.59 7.92
C GLY A 104 11.16 9.91 9.14
N GLN A 105 12.37 10.26 9.54
CA GLN A 105 12.89 9.77 10.78
C GLN A 105 12.11 10.13 12.03
N GLY A 106 11.57 11.34 12.03
CA GLY A 106 10.68 11.78 13.11
C GLY A 106 9.42 10.95 13.15
N LEU A 107 8.87 10.62 11.99
CA LEU A 107 7.67 9.81 11.93
C LEU A 107 7.93 8.38 12.39
N LEU A 108 9.04 7.80 11.95
CA LEU A 108 9.44 6.42 12.42
C LEU A 108 9.60 6.41 13.96
N LYS A 109 10.21 7.44 14.54
CA LYS A 109 10.32 7.51 16.01
C LYS A 109 8.95 7.51 16.69
N LYS A 110 8.00 8.28 16.17
CA LYS A 110 6.66 8.31 16.75
C LYS A 110 5.98 7.02 16.68
N ILE A 111 6.06 6.35 15.53
CA ILE A 111 5.51 5.00 15.39
C ILE A 111 6.04 4.07 16.47
N ASP A 112 7.33 4.07 16.69
CA ASP A 112 7.97 3.19 17.71
C ASP A 112 7.47 3.59 19.11
N LYS A 113 7.62 4.86 19.44
CA LYS A 113 7.26 5.37 20.81
C LYS A 113 5.79 5.28 21.18
N GLU A 114 4.88 5.64 20.27
CA GLU A 114 3.50 5.78 20.58
C GLU A 114 2.72 4.61 20.18
N LEU A 115 3.10 3.95 19.06
CA LEU A 115 2.27 2.82 18.56
C LEU A 115 2.90 1.47 18.82
N ASN A 116 4.08 1.44 19.44
CA ASN A 116 4.63 0.13 19.79
C ASN A 116 5.00 -0.77 18.58
N VAL A 117 5.37 -0.12 17.47
CA VAL A 117 5.63 -0.83 16.21
C VAL A 117 6.93 -0.40 15.64
N GLN A 118 7.65 -1.36 15.09
CA GLN A 118 8.90 -1.12 14.40
C GLN A 118 8.76 -1.47 12.90
N VAL A 119 9.37 -0.63 12.03
CA VAL A 119 9.47 -0.91 10.61
C VAL A 119 10.70 -1.74 10.37
N LEU A 120 10.55 -2.94 9.84
CA LEU A 120 11.67 -3.86 9.59
C LEU A 120 12.32 -3.60 8.20
N SER A 121 11.48 -3.28 7.22
CA SER A 121 11.98 -3.06 5.85
C SER A 121 10.83 -2.39 5.01
N VAL A 122 11.26 -1.80 3.92
CA VAL A 122 10.44 -1.00 3.02
C VAL A 122 10.49 -1.57 1.59
N ALA A 123 9.30 -1.83 1.03
CA ALA A 123 9.12 -2.44 -0.25
C ALA A 123 8.20 -1.55 -1.13
N TYR A 124 8.27 -1.84 -2.41
CA TYR A 124 7.33 -1.20 -3.39
C TYR A 124 6.11 -2.07 -3.63
N ASN A 125 4.93 -1.43 -3.59
CA ASN A 125 3.63 -2.09 -3.78
C ASN A 125 2.94 -1.49 -5.00
N GLY A 126 3.65 -0.93 -5.98
CA GLY A 126 3.03 -0.53 -7.19
C GLY A 126 2.42 0.82 -7.16
N THR A 127 2.09 1.32 -8.36
CA THR A 127 1.40 2.55 -8.58
C THR A 127 -0.06 2.28 -9.05
N ARG A 128 -1.00 2.93 -8.39
CA ARG A 128 -2.44 2.66 -8.62
C ARG A 128 -2.96 3.20 -9.98
N GLN A 129 -3.82 2.38 -10.59
CA GLN A 129 -4.43 2.62 -11.89
C GLN A 129 -5.91 2.40 -11.69
N THR A 130 -6.74 2.72 -12.69
CA THR A 130 -8.22 2.75 -12.48
C THR A 130 -8.87 1.78 -13.45
N THR A 131 -9.62 0.82 -12.92
CA THR A 131 -10.43 -0.07 -13.73
C THR A 131 -11.87 0.39 -13.67
N SER A 132 -12.63 0.09 -14.71
CA SER A 132 -14.07 0.47 -14.80
C SER A 132 -14.84 -0.37 -15.80
N ASN A 133 -16.15 -0.14 -15.75
CA ASN A 133 -17.06 -0.79 -16.66
C ASN A 133 -17.45 0.09 -17.85
N ARG A 134 -16.79 1.25 -17.96
CA ARG A 134 -16.96 2.17 -19.10
C ARG A 134 -15.61 2.72 -19.37
N ALA A 135 -15.38 3.18 -20.61
CA ALA A 135 -14.07 3.76 -20.97
C ALA A 135 -13.82 5.08 -20.23
N ILE A 136 -12.58 5.23 -19.72
CA ILE A 136 -12.10 6.42 -19.20
C ILE A 136 -11.06 7.02 -20.19
N ASN A 137 -11.58 7.87 -21.03
CA ASN A 137 -10.74 8.53 -22.06
C ASN A 137 -10.09 9.82 -21.58
N SER A 138 -10.66 10.52 -20.63
CA SER A 138 -10.10 11.74 -20.05
C SER A 138 -10.74 11.90 -18.69
N ILE A 139 -10.38 12.98 -17.98
CA ILE A 139 -10.89 13.22 -16.65
C ILE A 139 -12.42 13.40 -16.73
N GLU A 140 -12.95 13.94 -17.84
CA GLU A 140 -14.36 14.08 -17.97
C GLU A 140 -15.16 12.78 -17.68
N ASP A 141 -14.56 11.61 -18.00
CA ASP A 141 -15.27 10.35 -17.85
C ASP A 141 -15.32 9.88 -16.40
N MET A 142 -14.60 10.59 -15.52
CA MET A 142 -14.70 10.28 -14.07
C MET A 142 -15.96 10.84 -13.45
N LYS A 143 -16.58 11.79 -14.13
CA LYS A 143 -17.65 12.58 -13.51
C LYS A 143 -18.84 11.70 -13.28
N GLY A 144 -19.23 11.60 -12.01
CA GLY A 144 -20.33 10.71 -11.63
C GLY A 144 -20.07 9.19 -11.64
N LEU A 145 -18.86 8.78 -11.94
CA LEU A 145 -18.48 7.38 -11.96
C LEU A 145 -18.50 6.90 -10.51
N LYS A 146 -19.19 5.82 -10.30
CA LYS A 146 -19.31 5.21 -8.96
C LYS A 146 -18.05 4.37 -8.62
N LEU A 147 -17.09 5.06 -7.98
CA LEU A 147 -15.70 4.51 -7.84
C LEU A 147 -15.52 3.96 -6.45
N ARG A 148 -15.36 2.66 -6.34
CA ARG A 148 -14.98 2.08 -5.06
C ARG A 148 -13.59 2.65 -4.68
N VAL A 149 -13.45 2.97 -3.41
CA VAL A 149 -12.15 3.27 -2.83
C VAL A 149 -11.98 2.44 -1.59
N PRO A 150 -10.73 2.21 -1.15
CA PRO A 150 -10.55 1.65 0.21
C PRO A 150 -11.04 2.71 1.21
N ASN A 151 -11.10 2.31 2.46
CA ASN A 151 -11.51 3.16 3.57
C ASN A 151 -10.30 3.93 4.04
N ALA A 152 -9.92 4.98 3.28
CA ALA A 152 -8.74 5.75 3.42
C ALA A 152 -9.00 7.16 2.87
N ALA A 153 -8.65 8.16 3.66
CA ALA A 153 -8.95 9.54 3.40
C ALA A 153 -8.41 9.93 2.03
N THR A 154 -7.20 9.53 1.69
CA THR A 154 -6.56 10.09 0.47
C THR A 154 -7.27 9.52 -0.78
N ASN A 155 -7.67 8.26 -0.76
CA ASN A 155 -8.30 7.68 -1.92
C ASN A 155 -9.69 8.25 -2.08
N LEU A 156 -10.39 8.49 -0.96
CA LEU A 156 -11.69 9.21 -1.00
C LEU A 156 -11.50 10.58 -1.62
N ALA A 157 -10.47 11.32 -1.24
CA ALA A 157 -10.25 12.66 -1.76
C ALA A 157 -9.92 12.61 -3.25
N TYR A 158 -9.04 11.71 -3.64
CA TYR A 158 -8.76 11.46 -5.09
C TYR A 158 -10.10 11.33 -5.89
N ALA A 159 -10.96 10.40 -5.49
CA ALA A 159 -12.26 10.17 -6.19
C ALA A 159 -13.05 11.48 -6.21
N LYS A 160 -13.22 12.14 -5.05
CA LYS A 160 -13.99 13.37 -4.97
C LYS A 160 -13.44 14.40 -5.94
N TYR A 161 -12.14 14.68 -5.87
CA TYR A 161 -11.54 15.82 -6.62
C TYR A 161 -11.55 15.59 -8.14
N VAL A 162 -11.60 14.34 -8.57
CA VAL A 162 -11.74 14.07 -10.02
C VAL A 162 -13.22 14.08 -10.50
N GLY A 163 -14.16 14.21 -9.59
CA GLY A 163 -15.58 14.21 -9.93
C GLY A 163 -16.41 12.98 -9.72
N ALA A 164 -15.79 11.93 -9.17
CA ALA A 164 -16.40 10.65 -9.06
C ALA A 164 -17.25 10.61 -7.81
N ALA A 165 -18.08 9.56 -7.70
CA ALA A 165 -18.88 9.31 -6.51
C ALA A 165 -18.18 8.23 -5.68
N PRO A 166 -17.44 8.64 -4.63
CA PRO A 166 -16.57 7.76 -3.87
C PRO A 166 -17.42 6.78 -3.09
N THR A 167 -17.15 5.49 -3.17
CA THR A 167 -17.89 4.49 -2.44
C THR A 167 -16.78 3.71 -1.65
N PRO A 168 -16.56 4.03 -0.36
CA PRO A 168 -15.61 3.22 0.45
C PRO A 168 -16.10 1.83 0.80
N MET A 169 -15.23 0.85 0.63
CA MET A 169 -15.54 -0.51 0.89
C MET A 169 -14.29 -1.33 1.10
N ALA A 170 -14.37 -2.30 2.01
CA ALA A 170 -13.21 -3.13 2.28
C ALA A 170 -12.80 -3.91 1.05
N PHE A 171 -11.47 -4.13 0.93
CA PHE A 171 -10.90 -4.88 -0.17
C PHE A 171 -11.60 -6.19 -0.47
N SER A 172 -11.95 -6.95 0.61
CA SER A 172 -12.57 -8.27 0.46
C SER A 172 -13.93 -8.24 -0.27
N GLU A 173 -14.52 -7.07 -0.40
CA GLU A 173 -15.88 -6.92 -0.93
C GLU A 173 -15.84 -6.48 -2.39
N VAL A 174 -14.65 -6.18 -2.88
CA VAL A 174 -14.58 -5.49 -4.18
C VAL A 174 -14.97 -6.36 -5.38
N TYR A 175 -14.49 -7.60 -5.48
CA TYR A 175 -14.69 -8.31 -6.69
C TYR A 175 -16.20 -8.42 -6.96
N LEU A 176 -16.97 -8.79 -5.91
CA LEU A 176 -18.40 -8.95 -6.09
C LEU A 176 -19.04 -7.63 -6.49
N ALA A 177 -18.61 -6.52 -5.90
CA ALA A 177 -19.12 -5.21 -6.29
C ALA A 177 -18.90 -4.85 -7.75
N LEU A 178 -17.74 -5.22 -8.30
CA LEU A 178 -17.47 -4.98 -9.69
C LEU A 178 -18.33 -5.89 -10.55
N GLN A 179 -18.40 -7.16 -10.17
CA GLN A 179 -19.10 -8.22 -10.94
C GLN A 179 -20.56 -7.87 -11.13
N THR A 180 -21.17 -7.36 -10.08
CA THR A 180 -22.59 -7.09 -10.05
C THR A 180 -22.91 -5.66 -10.48
N ASN A 181 -21.88 -4.88 -10.78
CA ASN A 181 -22.04 -3.43 -11.11
C ASN A 181 -22.66 -2.61 -10.00
N SER A 182 -22.48 -3.03 -8.74
CA SER A 182 -22.78 -2.23 -7.59
C SER A 182 -21.96 -0.97 -7.49
N VAL A 183 -20.75 -1.04 -8.06
CA VAL A 183 -19.93 0.12 -8.38
C VAL A 183 -19.53 0.03 -9.85
N ASP A 184 -19.00 1.14 -10.38
CA ASP A 184 -18.62 1.21 -11.75
C ASP A 184 -17.10 0.97 -11.91
N GLY A 185 -16.31 0.98 -10.82
CA GLY A 185 -14.88 0.87 -11.02
C GLY A 185 -14.24 0.75 -9.66
N GLN A 186 -12.89 0.62 -9.69
CA GLN A 186 -12.02 0.67 -8.51
C GLN A 186 -10.63 1.06 -8.94
N GLU A 187 -9.71 1.15 -7.99
CA GLU A 187 -8.39 1.69 -8.34
C GLU A 187 -7.38 0.92 -7.47
N ASN A 188 -6.32 0.44 -8.11
CA ASN A 188 -5.31 -0.44 -7.44
C ASN A 188 -4.14 -0.62 -8.40
N PRO A 189 -2.98 -1.04 -7.88
CA PRO A 189 -1.91 -1.35 -8.81
C PRO A 189 -2.21 -2.52 -9.73
N LEU A 190 -1.49 -2.57 -10.83
CA LEU A 190 -1.67 -3.65 -11.80
C LEU A 190 -1.55 -5.03 -11.21
N PRO A 191 -0.53 -5.32 -10.35
CA PRO A 191 -0.43 -6.69 -9.92
C PRO A 191 -1.64 -7.10 -9.09
N THR A 192 -2.21 -6.14 -8.38
CA THR A 192 -3.43 -6.42 -7.58
C THR A 192 -4.63 -6.71 -8.43
N ILE A 193 -4.79 -5.91 -9.48
CA ILE A 193 -5.81 -6.16 -10.49
C ILE A 193 -5.72 -7.58 -11.03
N GLN A 194 -4.50 -8.09 -11.23
CA GLN A 194 -4.31 -9.46 -11.69
C GLN A 194 -4.63 -10.42 -10.56
N ALA A 195 -4.04 -10.26 -9.39
CA ALA A 195 -4.16 -11.29 -8.29
C ALA A 195 -5.60 -11.50 -7.86
N GLN A 196 -6.33 -10.40 -7.74
CA GLN A 196 -7.75 -10.51 -7.39
C GLN A 196 -8.70 -10.77 -8.54
N LYS A 197 -8.19 -10.84 -9.75
CA LYS A 197 -8.91 -11.13 -10.94
C LYS A 197 -9.93 -10.04 -11.24
N PHE A 198 -9.67 -8.82 -10.85
CA PHE A 198 -10.57 -7.72 -11.19
C PHE A 198 -10.70 -7.53 -12.72
N TYR A 199 -9.65 -7.92 -13.47
CA TYR A 199 -9.69 -7.88 -14.93
C TYR A 199 -10.76 -8.77 -15.53
N GLU A 200 -11.19 -9.80 -14.81
CA GLU A 200 -12.32 -10.70 -15.17
C GLU A 200 -13.65 -9.97 -15.19
N VAL A 201 -13.80 -8.93 -14.36
CA VAL A 201 -15.04 -8.29 -14.13
C VAL A 201 -15.01 -6.80 -14.46
N GLN A 202 -13.98 -6.35 -15.21
CA GLN A 202 -13.85 -4.97 -15.62
C GLN A 202 -13.38 -5.02 -17.07
N LYS A 203 -14.19 -4.40 -17.94
CA LYS A 203 -13.81 -4.33 -19.29
C LYS A 203 -12.70 -3.30 -19.63
N TYR A 204 -12.46 -2.32 -18.77
CA TYR A 204 -11.58 -1.20 -19.03
C TYR A 204 -10.51 -1.05 -17.94
N LEU A 205 -9.36 -0.56 -18.33
CA LEU A 205 -8.26 -0.12 -17.47
C LEU A 205 -7.77 1.21 -18.00
N ALA A 206 -7.57 2.18 -17.10
CA ALA A 206 -7.05 3.55 -17.44
C ALA A 206 -5.77 3.74 -16.67
N LEU A 207 -4.70 4.18 -17.32
CA LEU A 207 -3.46 4.36 -16.61
C LEU A 207 -3.35 5.77 -16.01
N THR A 208 -4.06 5.97 -14.90
CA THR A 208 -4.19 7.20 -14.17
C THR A 208 -2.97 7.51 -13.27
N ASN A 209 -2.24 6.43 -12.95
CA ASN A 209 -0.89 6.59 -12.29
C ASN A 209 -0.96 7.51 -11.08
N HIS A 210 -2.03 7.41 -10.28
CA HIS A 210 -2.36 8.51 -9.35
C HIS A 210 -1.71 8.51 -7.95
N ILE A 211 -1.51 7.32 -7.43
CA ILE A 211 -0.96 7.11 -6.04
C ILE A 211 0.04 6.04 -6.07
N LEU A 212 1.27 6.30 -5.59
CA LEU A 212 2.32 5.30 -5.46
C LEU A 212 2.20 4.72 -4.02
N ASN A 213 2.16 3.40 -3.95
CA ASN A 213 2.09 2.66 -2.66
C ASN A 213 3.48 2.05 -2.38
N ASP A 214 3.95 2.32 -1.21
CA ASP A 214 5.04 1.54 -0.61
C ASP A 214 4.43 0.42 0.24
N GLN A 215 5.29 -0.32 0.93
CA GLN A 215 4.81 -1.46 1.73
C GLN A 215 5.81 -1.66 2.85
N LEU A 216 5.38 -1.49 4.09
CA LEU A 216 6.26 -1.65 5.26
C LEU A 216 6.03 -3.02 5.91
N TYR A 217 7.13 -3.69 6.14
CA TYR A 217 7.08 -4.94 6.94
C TYR A 217 7.12 -4.51 8.42
N LEU A 218 6.01 -4.71 9.14
CA LEU A 218 5.84 -4.13 10.50
C LEU A 218 5.88 -5.29 11.55
N ILE A 219 6.50 -4.99 12.70
CA ILE A 219 6.55 -5.94 13.81
C ILE A 219 6.16 -5.21 15.11
N SER A 220 5.39 -5.91 15.92
CA SER A 220 5.04 -5.35 17.29
C SER A 220 6.30 -5.41 18.18
N ASN A 221 6.47 -4.38 18.99
CA ASN A 221 7.54 -4.27 19.94
C ASN A 221 7.36 -5.38 20.97
N ASP A 222 6.12 -5.83 21.18
CA ASP A 222 5.91 -6.98 22.16
C ASP A 222 6.51 -8.27 21.59
N THR A 223 6.50 -8.46 20.28
CA THR A 223 7.12 -9.55 19.62
C THR A 223 8.64 -9.53 19.74
N LEU A 224 9.24 -8.39 19.45
CA LEU A 224 10.66 -8.18 19.61
C LEU A 224 11.03 -8.50 21.05
N ALA A 225 10.22 -8.02 22.00
CA ALA A 225 10.52 -8.28 23.42
C ALA A 225 10.40 -9.75 23.75
N ASP A 226 9.54 -10.52 23.07
CA ASP A 226 9.38 -11.97 23.31
C ASP A 226 10.57 -12.81 22.71
N LEU A 227 11.33 -12.24 21.74
CA LEU A 227 12.34 -12.99 20.96
C LEU A 227 13.73 -12.71 21.54
N PRO A 228 14.58 -13.71 21.64
CA PRO A 228 15.98 -13.40 22.02
C PRO A 228 16.69 -12.65 20.95
N GLU A 229 17.74 -11.95 21.30
CA GLU A 229 18.41 -11.02 20.39
C GLU A 229 18.80 -11.75 19.08
N ASP A 230 19.34 -12.94 19.17
CA ASP A 230 19.80 -13.59 17.93
C ASP A 230 18.61 -13.92 16.98
N LEU A 231 17.42 -14.19 17.53
CA LEU A 231 16.19 -14.38 16.72
C LEU A 231 15.61 -13.10 16.28
N GLN A 232 15.82 -11.99 17.05
CA GLN A 232 15.46 -10.67 16.52
C GLN A 232 16.21 -10.35 15.21
N LYS A 233 17.50 -10.63 15.21
CA LYS A 233 18.35 -10.46 14.04
C LYS A 233 17.89 -11.34 12.87
N VAL A 234 17.47 -12.57 13.15
CA VAL A 234 16.93 -13.43 12.09
C VAL A 234 15.72 -12.78 11.44
N VAL A 235 14.86 -12.21 12.23
CA VAL A 235 13.62 -11.62 11.74
C VAL A 235 13.93 -10.39 10.89
N LYS A 236 14.85 -9.57 11.38
CA LYS A 236 15.20 -8.31 10.69
C LYS A 236 15.85 -8.61 9.34
N ASP A 237 16.80 -9.52 9.31
CA ASP A 237 17.48 -9.92 8.11
C ASP A 237 16.47 -10.50 7.10
N ALA A 238 15.57 -11.39 7.58
CA ALA A 238 14.61 -11.99 6.65
C ALA A 238 13.69 -10.92 6.04
N ALA A 239 13.33 -9.93 6.84
CA ALA A 239 12.44 -8.85 6.33
C ALA A 239 13.14 -8.08 5.26
N ALA A 240 14.47 -7.86 5.42
CA ALA A 240 15.25 -7.16 4.39
C ALA A 240 15.27 -7.87 3.06
N LYS A 241 15.48 -9.16 3.07
CA LYS A 241 15.45 -10.00 1.87
C LYS A 241 14.02 -10.03 1.27
N ALA A 242 13.03 -10.14 2.13
CA ALA A 242 11.62 -10.26 1.62
C ALA A 242 11.27 -8.96 0.95
N ALA A 243 11.60 -7.80 1.52
CA ALA A 243 11.26 -6.52 0.86
C ALA A 243 11.87 -6.42 -0.51
N GLU A 244 13.15 -6.81 -0.66
CA GLU A 244 13.79 -6.73 -1.98
C GLU A 244 13.07 -7.59 -3.00
N TYR A 245 12.69 -8.81 -2.56
CA TYR A 245 11.95 -9.69 -3.46
C TYR A 245 10.58 -9.09 -3.81
N HIS A 246 9.88 -8.56 -2.80
CA HIS A 246 8.57 -7.90 -2.94
C HIS A 246 8.64 -6.81 -3.99
N THR A 247 9.63 -5.92 -3.91
CA THR A 247 9.76 -4.84 -4.79
C THR A 247 9.99 -5.36 -6.22
N LYS A 248 10.88 -6.32 -6.37
CA LYS A 248 11.13 -6.94 -7.70
C LYS A 248 9.89 -7.49 -8.32
N LEU A 249 9.09 -8.19 -7.55
CA LEU A 249 7.80 -8.74 -8.01
C LEU A 249 6.89 -7.66 -8.56
N PHE A 250 6.78 -6.52 -7.87
CA PHE A 250 5.91 -5.43 -8.34
C PHE A 250 6.48 -4.74 -9.56
N VAL A 251 7.78 -4.49 -9.62
CA VAL A 251 8.42 -3.79 -10.77
C VAL A 251 8.26 -4.67 -12.00
N ASP A 252 8.50 -6.00 -11.87
CA ASP A 252 8.48 -6.86 -13.04
C ASP A 252 7.03 -7.05 -13.48
N GLY A 253 6.08 -7.09 -12.53
CA GLY A 253 4.66 -7.16 -12.85
C GLY A 253 4.22 -5.94 -13.61
N GLU A 254 4.59 -4.76 -13.16
CA GLU A 254 4.18 -3.51 -13.86
C GLU A 254 4.69 -3.40 -15.19
N ASN A 255 5.88 -3.89 -15.42
CA ASN A 255 6.45 -3.80 -16.75
C ASN A 255 5.79 -4.74 -17.74
N SER A 256 5.00 -5.71 -17.29
CA SER A 256 4.48 -6.68 -18.17
C SER A 256 2.94 -6.69 -18.30
N LEU A 257 2.24 -6.19 -17.29
CA LEU A 257 0.86 -6.53 -17.13
C LEU A 257 -0.13 -5.84 -18.09
N VAL A 258 0.20 -4.68 -18.61
CA VAL A 258 -0.73 -4.09 -19.58
C VAL A 258 -0.93 -5.01 -20.79
N GLU A 259 0.16 -5.48 -21.36
CA GLU A 259 0.01 -6.50 -22.41
C GLU A 259 -0.73 -7.78 -22.04
N PHE A 260 -0.49 -8.29 -20.82
CA PHE A 260 -1.24 -9.35 -20.37
C PHE A 260 -2.71 -9.01 -20.38
N PHE A 261 -3.07 -7.86 -19.80
CA PHE A 261 -4.46 -7.58 -19.71
C PHE A 261 -5.12 -7.45 -21.08
N LYS A 262 -4.45 -6.83 -22.00
CA LYS A 262 -4.99 -6.73 -23.35
C LYS A 262 -5.28 -8.06 -23.97
N SER A 263 -4.40 -9.02 -23.69
CA SER A 263 -4.54 -10.36 -24.20
C SER A 263 -5.74 -11.06 -23.57
N GLN A 264 -6.16 -10.64 -22.37
CA GLN A 264 -7.39 -11.14 -21.75
C GLN A 264 -8.67 -10.40 -22.14
N GLY A 265 -8.58 -9.45 -23.07
CA GLY A 265 -9.75 -8.72 -23.57
C GLY A 265 -9.98 -7.39 -22.87
N VAL A 266 -9.04 -6.96 -22.02
CA VAL A 266 -9.26 -5.69 -21.33
C VAL A 266 -8.88 -4.59 -22.32
N THR A 267 -9.65 -3.49 -22.36
CA THR A 267 -9.35 -2.33 -23.17
C THR A 267 -8.64 -1.31 -22.32
N VAL A 268 -7.45 -0.86 -22.73
CA VAL A 268 -6.55 -0.12 -21.88
C VAL A 268 -6.38 1.27 -22.42
N THR A 269 -6.90 2.27 -21.69
CA THR A 269 -6.76 3.70 -22.10
C THR A 269 -5.62 4.36 -21.38
N GLN A 270 -5.15 5.44 -21.97
CA GLN A 270 -4.09 6.30 -21.40
C GLN A 270 -4.49 7.74 -21.44
N PRO A 271 -5.38 8.16 -20.53
CA PRO A 271 -5.89 9.53 -20.44
C PRO A 271 -4.79 10.55 -20.18
N ASP A 272 -4.93 11.71 -20.77
CA ASP A 272 -4.02 12.85 -20.45
C ASP A 272 -4.08 13.05 -18.90
N LEU A 273 -2.93 12.94 -18.26
CA LEU A 273 -2.89 13.12 -16.79
C LEU A 273 -2.71 14.59 -16.35
N LYS A 274 -2.43 15.53 -17.29
CA LYS A 274 -2.32 16.90 -16.86
C LYS A 274 -3.57 17.47 -16.10
N PRO A 275 -4.79 17.21 -16.60
CA PRO A 275 -5.92 17.63 -15.81
C PRO A 275 -6.19 16.83 -14.49
N PHE A 276 -5.77 15.56 -14.45
CA PHE A 276 -5.83 14.79 -13.16
C PHE A 276 -4.93 15.53 -12.13
N LYS A 277 -3.69 15.74 -12.51
CA LYS A 277 -2.77 16.45 -11.60
C LYS A 277 -3.35 17.82 -11.19
N ALA A 278 -3.84 18.59 -12.14
CA ALA A 278 -4.41 19.88 -11.78
C ALA A 278 -5.63 19.81 -10.86
N ALA A 279 -6.46 18.80 -11.04
CA ALA A 279 -7.62 18.57 -10.21
C ALA A 279 -7.24 18.31 -8.73
N LEU A 280 -6.08 17.70 -8.50
CA LEU A 280 -5.64 17.31 -7.13
C LEU A 280 -4.77 18.30 -6.42
N THR A 281 -4.11 19.16 -7.20
CA THR A 281 -3.34 20.28 -6.69
C THR A 281 -3.91 21.00 -5.44
N PRO A 282 -5.19 21.32 -5.43
CA PRO A 282 -5.72 21.96 -4.28
C PRO A 282 -5.85 21.09 -3.04
N TYR A 283 -5.81 19.75 -3.23
CA TYR A 283 -5.88 18.85 -2.08
C TYR A 283 -4.54 18.97 -1.31
N TYR A 284 -3.47 19.28 -2.04
CA TYR A 284 -2.16 19.57 -1.37
C TYR A 284 -2.31 20.72 -0.38
N ASP A 285 -3.12 21.70 -0.78
CA ASP A 285 -3.42 22.83 0.12
C ASP A 285 -4.15 22.38 1.35
N GLU A 286 -5.13 21.48 1.25
CA GLU A 286 -5.80 20.86 2.39
C GLU A 286 -4.84 20.15 3.34
N TYR A 287 -3.91 19.39 2.75
CA TYR A 287 -2.86 18.75 3.52
C TYR A 287 -2.08 19.79 4.31
N LEU A 288 -1.64 20.85 3.65
CA LEU A 288 -0.85 21.92 4.30
C LEU A 288 -1.65 22.63 5.42
N LYS A 289 -2.96 22.82 5.24
CA LYS A 289 -3.77 23.40 6.30
C LYS A 289 -3.93 22.48 7.53
N LYS A 290 -4.03 21.17 7.29
CA LYS A 290 -4.24 20.18 8.35
C LYS A 290 -2.96 19.91 9.13
N ASN A 291 -1.81 20.14 8.52
CA ASN A 291 -0.54 19.58 9.13
C ASN A 291 0.52 20.61 9.40
N GLY A 292 0.23 21.86 9.08
CA GLY A 292 1.11 22.97 9.46
C GLY A 292 2.54 22.91 8.94
N GLU A 293 3.47 23.35 9.76
CA GLU A 293 4.88 23.39 9.39
C GLU A 293 5.51 21.96 9.17
N VAL A 294 4.99 20.94 9.86
CA VAL A 294 5.50 19.59 9.62
C VAL A 294 5.16 19.15 8.19
N GLY A 295 3.89 19.42 7.82
CA GLY A 295 3.48 19.24 6.43
C GLY A 295 4.30 19.98 5.40
N LYS A 296 4.52 21.26 5.68
CA LYS A 296 5.38 22.04 4.81
C LYS A 296 6.75 21.44 4.62
N MET A 297 7.34 21.01 5.74
CA MET A 297 8.67 20.40 5.69
C MET A 297 8.69 19.11 4.87
N ALA A 298 7.67 18.29 5.11
CA ALA A 298 7.50 16.99 4.38
C ALA A 298 7.54 17.31 2.89
N ILE A 299 6.70 18.23 2.44
CA ILE A 299 6.64 18.47 1.01
C ILE A 299 7.93 19.02 0.43
N GLU A 300 8.61 19.87 1.22
CA GLU A 300 9.91 20.42 0.75
C GLU A 300 10.97 19.34 0.60
N GLU A 301 10.99 18.41 1.55
CA GLU A 301 12.03 17.40 1.53
C GLU A 301 11.77 16.46 0.41
N ILE A 302 10.49 16.12 0.15
CA ILE A 302 10.17 15.25 -0.98
C ILE A 302 10.48 15.91 -2.29
N SER A 303 10.19 17.19 -2.36
CA SER A 303 10.50 17.98 -3.55
C SER A 303 12.01 17.96 -3.83
N ASN A 304 12.78 18.15 -2.80
CA ASN A 304 14.21 18.14 -2.96
C ASN A 304 14.71 16.81 -3.45
N LEU A 305 14.13 15.71 -2.93
CA LEU A 305 14.54 14.36 -3.33
C LEU A 305 14.14 14.08 -4.75
N ALA A 306 12.88 14.39 -5.09
CA ALA A 306 12.37 14.21 -6.42
C ALA A 306 13.31 14.92 -7.39
N LYS A 307 13.93 16.03 -6.98
CA LYS A 307 14.81 16.81 -7.86
C LYS A 307 16.13 16.07 -8.18
N LEU A 308 16.57 15.21 -7.27
CA LEU A 308 17.63 14.25 -7.58
C LEU A 308 17.13 13.10 -8.44
#